data_4P58
#
_entry.id   4P58
#
_cell.length_a   98.584
_cell.length_b   98.584
_cell.length_c   115.104
_cell.angle_alpha   90.000
_cell.angle_beta   90.000
_cell.angle_gamma   90.000
#
_symmetry.space_group_name_H-M   'I 41 2 2'
#
loop_
_entity.id
_entity.type
_entity.pdbx_description
1 polymer 'Catechol O-methyltransferase'
2 non-polymer "1',3'-dimethyl-1H,1'H-3,4'-bipyrazole"
3 water water
#
_entity_poly.entity_id   1
_entity_poly.type   'polypeptide(L)'
_entity_poly.pdbx_seq_one_letter_code
;TKEQRILRYVQQNAKPGDPQSVLEAIDTYCSEKEWAMNVGDAKGQIMDAVIREYSPSLVLELGAYCGYSAVRMARLLQPG
ARLLTMEINPDYAAITQQMLNFAGLQDKVTILIGASQDLIPQLKKKYDVDTLDMVFLDHWKDRYLPDTLLLEECGLLRKG
TVLLADNVIVPGTPDFLAYVRGSSSFECTHYSSYLEYMKVVDGLEKAIYQGP
;
_entity_poly.pdbx_strand_id   A
#
loop_
_chem_comp.id
_chem_comp.type
_chem_comp.name
_chem_comp.formula
2F6 non-polymer 1',3'-dimethyl-1H,1'H-3,4'-bipyrazole 'C8 H10 N4'
#
# COMPACT_ATOMS: atom_id res chain seq x y z
N THR A 1 -16.60 2.77 -12.46
CA THR A 1 -16.10 2.96 -13.85
C THR A 1 -14.78 3.74 -13.88
N LYS A 2 -14.56 4.59 -12.89
CA LYS A 2 -13.30 5.35 -12.80
C LYS A 2 -12.08 4.44 -12.92
N GLU A 3 -12.06 3.34 -12.17
CA GLU A 3 -10.92 2.41 -12.23
C GLU A 3 -10.81 1.76 -13.63
N GLN A 4 -11.94 1.41 -14.21
CA GLN A 4 -11.98 0.78 -15.53
C GLN A 4 -11.48 1.72 -16.62
N ARG A 5 -11.91 2.98 -16.55
CA ARG A 5 -11.48 4.03 -17.49
C ARG A 5 -9.98 4.29 -17.41
N ILE A 6 -9.47 4.32 -16.20
CA ILE A 6 -8.05 4.50 -15.97
C ILE A 6 -7.22 3.39 -16.63
N LEU A 7 -7.69 2.16 -16.50
CA LEU A 7 -6.99 1.00 -17.06
C LEU A 7 -6.95 1.08 -18.59
N ARG A 8 -8.11 1.31 -19.19
CA ARG A 8 -8.19 1.42 -20.64
C ARG A 8 -7.30 2.54 -21.14
N TYR A 9 -7.24 3.64 -20.41
CA TYR A 9 -6.37 4.73 -20.78
C TYR A 9 -4.90 4.28 -20.78
N VAL A 10 -4.50 3.56 -19.74
CA VAL A 10 -3.16 2.98 -19.66
C VAL A 10 -2.94 2.02 -20.84
N GLN A 11 -3.89 1.14 -21.08
CA GLN A 11 -3.76 0.15 -22.13
C GLN A 11 -3.60 0.77 -23.52
N GLN A 12 -4.14 1.97 -23.69
CA GLN A 12 -4.10 2.61 -24.99
C GLN A 12 -2.91 3.52 -25.19
N ASN A 13 -2.37 4.04 -24.10
CA ASN A 13 -1.35 5.10 -24.17
C ASN A 13 0.01 4.73 -23.57
N ALA A 14 0.05 3.77 -22.65
CA ALA A 14 1.31 3.41 -21.99
C ALA A 14 2.12 2.34 -22.76
N LYS A 15 3.40 2.26 -22.41
CA LYS A 15 4.33 1.30 -22.98
C LYS A 15 4.38 0.03 -22.12
N PRO A 16 4.02 -1.12 -22.69
CA PRO A 16 4.11 -2.38 -21.94
C PRO A 16 5.51 -2.67 -21.40
N GLY A 17 5.59 -3.10 -20.14
CA GLY A 17 6.86 -3.41 -19.48
C GLY A 17 7.62 -2.23 -18.89
N ASP A 18 6.97 -1.06 -18.91
CA ASP A 18 7.54 0.19 -18.44
C ASP A 18 6.66 0.78 -17.34
N PRO A 19 6.98 0.48 -16.07
CA PRO A 19 6.18 0.96 -14.95
C PRO A 19 6.07 2.47 -14.88
N GLN A 20 7.12 3.17 -15.28
CA GLN A 20 7.13 4.63 -15.26
C GLN A 20 6.06 5.19 -16.19
N SER A 21 5.97 4.67 -17.40
CA SER A 21 4.95 5.16 -18.33
C SER A 21 3.53 4.78 -17.90
N VAL A 22 3.36 3.64 -17.23
CA VAL A 22 2.07 3.27 -16.65
C VAL A 22 1.65 4.30 -15.58
N LEU A 23 2.57 4.62 -14.69
CA LEU A 23 2.29 5.58 -13.63
C LEU A 23 2.00 6.96 -14.20
N GLU A 24 2.80 7.38 -15.18
CA GLU A 24 2.60 8.69 -15.81
C GLU A 24 1.26 8.77 -16.53
N ALA A 25 0.87 7.68 -17.16
CA ALA A 25 -0.44 7.58 -17.80
C ALA A 25 -1.57 7.72 -16.78
N ILE A 26 -1.48 7.03 -15.65
CA ILE A 26 -2.51 7.12 -14.61
C ILE A 26 -2.59 8.56 -14.06
N ASP A 27 -1.44 9.12 -13.65
CA ASP A 27 -1.38 10.48 -13.08
C ASP A 27 -1.97 11.52 -14.02
N THR A 28 -1.53 11.47 -15.27
CA THR A 28 -1.97 12.38 -16.33
C THR A 28 -3.46 12.32 -16.58
N TYR A 29 -3.99 11.11 -16.67
CA TYR A 29 -5.41 10.91 -16.89
C TYR A 29 -6.21 11.50 -15.74
N CYS A 30 -5.82 11.19 -14.52
CA CYS A 30 -6.58 11.60 -13.35
C CYS A 30 -6.62 13.12 -13.16
N SER A 31 -5.46 13.76 -13.30
CA SER A 31 -5.40 15.21 -13.23
C SER A 31 -5.83 15.82 -14.56
N GLU A 32 -7.08 16.31 -14.60
CA GLU A 32 -7.60 17.01 -15.78
C GLU A 32 -7.41 16.26 -17.11
N GLY A 40 -1.58 9.96 -7.77
CA GLY A 40 -1.12 11.03 -6.89
C GLY A 40 0.39 10.98 -6.67
N ASP A 41 1.09 12.02 -7.11
CA ASP A 41 2.55 12.03 -7.09
C ASP A 41 3.14 12.42 -5.75
N ALA A 42 2.48 13.28 -4.97
CA ALA A 42 2.98 13.60 -3.62
C ALA A 42 2.99 12.35 -2.72
N LYS A 43 1.87 11.65 -2.68
CA LYS A 43 1.79 10.36 -1.98
C LYS A 43 2.76 9.31 -2.57
N GLY A 44 2.83 9.21 -3.91
CA GLY A 44 3.70 8.22 -4.56
C GLY A 44 5.17 8.46 -4.27
N GLN A 45 5.51 9.73 -4.17
CA GLN A 45 6.87 10.14 -3.88
C GLN A 45 7.29 9.74 -2.47
N ILE A 46 6.36 9.84 -1.52
CA ILE A 46 6.61 9.38 -0.17
C ILE A 46 6.72 7.87 -0.10
N MET A 47 5.89 7.16 -0.86
CA MET A 47 5.97 5.69 -0.96
C MET A 47 7.32 5.27 -1.49
N ASP A 48 7.78 5.96 -2.53
CA ASP A 48 9.11 5.72 -3.08
C ASP A 48 10.21 5.87 -2.04
N ALA A 49 10.17 6.98 -1.31
CA ALA A 49 11.17 7.28 -0.30
C ALA A 49 11.22 6.21 0.79
N VAL A 50 10.06 5.72 1.22
CA VAL A 50 9.99 4.68 2.24
C VAL A 50 10.61 3.36 1.71
N ILE A 51 10.27 2.97 0.49
CA ILE A 51 10.80 1.71 -0.06
C ILE A 51 12.30 1.79 -0.20
N ARG A 52 12.78 2.93 -0.68
CA ARG A 52 14.21 3.12 -0.86
C ARG A 52 14.98 3.12 0.45
N GLU A 53 14.39 3.69 1.50
CA GLU A 53 15.06 3.78 2.79
C GLU A 53 15.08 2.43 3.51
N TYR A 54 13.96 1.73 3.52
CA TYR A 54 13.85 0.51 4.31
C TYR A 54 14.13 -0.74 3.51
N SER A 55 14.09 -0.63 2.18
CA SER A 55 14.43 -1.77 1.33
C SER A 55 13.75 -3.06 1.84
N PRO A 56 12.41 -3.06 1.87
CA PRO A 56 11.67 -4.25 2.31
C PRO A 56 11.71 -5.42 1.32
N SER A 57 11.86 -6.63 1.85
CA SER A 57 11.82 -7.85 1.05
C SER A 57 10.41 -8.37 0.86
N LEU A 58 9.54 -8.16 1.83
CA LEU A 58 8.15 -8.55 1.68
C LEU A 58 7.24 -7.41 2.14
N VAL A 59 6.42 -6.93 1.21
CA VAL A 59 5.48 -5.83 1.45
C VAL A 59 4.05 -6.36 1.39
N LEU A 60 3.21 -5.90 2.33
CA LEU A 60 1.76 -6.15 2.32
C LEU A 60 1.04 -4.84 2.02
N GLU A 61 0.16 -4.86 1.03
CA GLU A 61 -0.66 -3.71 0.66
C GLU A 61 -2.11 -4.05 0.94
N LEU A 62 -2.79 -3.16 1.65
CA LEU A 62 -4.19 -3.33 1.99
C LEU A 62 -4.98 -2.36 1.16
N GLY A 63 -5.72 -2.87 0.17
CA GLY A 63 -6.42 -2.05 -0.80
C GLY A 63 -5.62 -1.89 -2.09
N ALA A 64 -6.20 -2.32 -3.21
CA ALA A 64 -5.52 -2.23 -4.50
C ALA A 64 -6.13 -1.21 -5.47
N TYR A 65 -7.46 -1.15 -5.53
CA TYR A 65 -8.16 -0.25 -6.46
C TYR A 65 -7.73 -0.52 -7.90
N CYS A 66 -7.27 0.48 -8.64
CA CYS A 66 -6.86 0.25 -10.02
C CYS A 66 -5.44 -0.30 -10.14
N GLY A 67 -4.69 -0.30 -9.04
CA GLY A 67 -3.36 -0.88 -9.02
C GLY A 67 -2.20 0.10 -9.03
N TYR A 68 -2.51 1.41 -8.99
CA TYR A 68 -1.48 2.46 -9.04
C TYR A 68 -0.38 2.22 -8.01
N SER A 69 -0.78 1.98 -6.77
CA SER A 69 0.15 1.81 -5.66
C SER A 69 0.93 0.49 -5.74
N ALA A 70 0.30 -0.57 -6.25
CA ALA A 70 0.98 -1.82 -6.45
C ALA A 70 2.11 -1.65 -7.45
N VAL A 71 1.84 -0.93 -8.54
CA VAL A 71 2.83 -0.63 -9.57
C VAL A 71 3.93 0.25 -8.97
N ARG A 72 3.52 1.28 -8.25
CA ARG A 72 4.44 2.23 -7.67
C ARG A 72 5.46 1.51 -6.77
N MET A 73 4.98 0.65 -5.89
CA MET A 73 5.85 -0.03 -4.94
C MET A 73 6.63 -1.17 -5.57
N ALA A 74 5.96 -2.03 -6.35
CA ALA A 74 6.61 -3.21 -6.90
C ALA A 74 7.75 -2.87 -7.85
N ARG A 75 7.65 -1.75 -8.56
CA ARG A 75 8.69 -1.39 -9.52
C ARG A 75 10.05 -1.13 -8.84
N LEU A 76 10.03 -0.85 -7.54
CA LEU A 76 11.26 -0.59 -6.79
C LEU A 76 11.83 -1.80 -6.05
N LEU A 77 11.11 -2.91 -6.05
CA LEU A 77 11.56 -4.10 -5.35
C LEU A 77 12.55 -4.83 -6.22
N GLN A 78 13.60 -5.35 -5.60
CA GLN A 78 14.67 -6.02 -6.32
C GLN A 78 14.35 -7.50 -6.40
N PRO A 79 15.03 -8.23 -7.29
CA PRO A 79 14.86 -9.68 -7.37
C PRO A 79 14.84 -10.32 -5.99
N GLY A 80 13.87 -11.18 -5.77
CA GLY A 80 13.69 -11.77 -4.46
C GLY A 80 12.65 -11.06 -3.60
N ALA A 81 12.58 -9.74 -3.69
CA ALA A 81 11.60 -8.97 -2.94
C ALA A 81 10.21 -9.07 -3.57
N ARG A 82 9.16 -9.17 -2.75
CA ARG A 82 7.81 -9.40 -3.24
C ARG A 82 6.75 -8.50 -2.56
N LEU A 83 5.61 -8.35 -3.23
CA LEU A 83 4.45 -7.62 -2.71
C LEU A 83 3.22 -8.54 -2.65
N LEU A 84 2.55 -8.56 -1.49
CA LEU A 84 1.22 -9.15 -1.33
C LEU A 84 0.18 -8.05 -1.27
N THR A 85 -0.81 -8.14 -2.14
CA THR A 85 -1.85 -7.14 -2.23
C THR A 85 -3.22 -7.76 -1.91
N MET A 86 -3.90 -7.22 -0.91
CA MET A 86 -5.27 -7.65 -0.57
C MET A 86 -6.26 -6.63 -1.10
N GLU A 87 -7.34 -7.15 -1.66
CA GLU A 87 -8.37 -6.31 -2.24
C GLU A 87 -9.70 -7.03 -2.09
N ILE A 88 -10.67 -6.32 -1.52
CA ILE A 88 -11.96 -6.92 -1.21
C ILE A 88 -12.85 -7.08 -2.47
N ASN A 89 -12.70 -6.17 -3.42
CA ASN A 89 -13.56 -6.13 -4.59
C ASN A 89 -12.90 -6.88 -5.75
N PRO A 90 -13.50 -8.00 -6.18
CA PRO A 90 -12.95 -8.79 -7.28
C PRO A 90 -12.83 -8.02 -8.59
N ASP A 91 -13.70 -7.04 -8.80
CA ASP A 91 -13.58 -6.23 -10.01
C ASP A 91 -12.29 -5.40 -9.96
N TYR A 92 -11.93 -4.87 -8.79
CA TYR A 92 -10.68 -4.12 -8.63
C TYR A 92 -9.44 -5.00 -8.69
N ALA A 93 -9.55 -6.21 -8.17
CA ALA A 93 -8.42 -7.16 -8.19
C ALA A 93 -8.07 -7.51 -9.63
N ALA A 94 -9.10 -7.64 -10.47
CA ALA A 94 -8.92 -7.91 -11.89
C ALA A 94 -8.24 -6.75 -12.61
N ILE A 95 -8.71 -5.53 -12.34
CA ILE A 95 -8.11 -4.31 -12.90
C ILE A 95 -6.63 -4.25 -12.50
N THR A 96 -6.38 -4.46 -11.20
CA THR A 96 -5.04 -4.39 -10.67
C THR A 96 -4.11 -5.44 -11.31
N GLN A 97 -4.61 -6.66 -11.51
CA GLN A 97 -3.83 -7.67 -12.18
C GLN A 97 -3.46 -7.24 -13.61
N GLN A 98 -4.42 -6.68 -14.33
CA GLN A 98 -4.15 -6.19 -15.69
C GLN A 98 -3.13 -5.06 -15.67
N MET A 99 -3.24 -4.20 -14.67
CA MET A 99 -2.33 -3.08 -14.54
C MET A 99 -0.89 -3.58 -14.31
N LEU A 100 -0.75 -4.58 -13.44
CA LEU A 100 0.55 -5.17 -13.14
C LEU A 100 1.12 -5.92 -14.33
N ASN A 101 0.28 -6.69 -15.03
CA ASN A 101 0.70 -7.35 -16.27
C ASN A 101 1.23 -6.33 -17.28
N PHE A 102 0.53 -5.19 -17.39
CA PHE A 102 0.91 -4.16 -18.32
C PHE A 102 2.25 -3.51 -17.98
N ALA A 103 2.49 -3.33 -16.69
CA ALA A 103 3.74 -2.77 -16.21
C ALA A 103 4.91 -3.77 -16.20
N GLY A 104 4.62 -5.06 -16.43
CA GLY A 104 5.63 -6.09 -16.42
C GLY A 104 6.06 -6.48 -15.02
N LEU A 105 5.15 -6.37 -14.05
CA LEU A 105 5.48 -6.59 -12.64
C LEU A 105 4.74 -7.78 -12.07
N GLN A 106 4.16 -8.59 -12.94
CA GLN A 106 3.32 -9.69 -12.49
C GLN A 106 4.09 -10.75 -11.68
N ASP A 107 5.38 -10.94 -11.94
CA ASP A 107 6.18 -11.91 -11.20
C ASP A 107 6.54 -11.42 -9.79
N LYS A 108 6.22 -10.16 -9.47
CA LYS A 108 6.60 -9.60 -8.18
C LYS A 108 5.45 -9.41 -7.22
N VAL A 109 4.24 -9.62 -7.69
CA VAL A 109 3.06 -9.32 -6.91
C VAL A 109 2.12 -10.49 -6.89
N THR A 110 1.58 -10.78 -5.71
CA THR A 110 0.52 -11.73 -5.52
C THR A 110 -0.72 -10.99 -5.00
N ILE A 111 -1.85 -11.20 -5.65
CA ILE A 111 -3.10 -10.56 -5.27
C ILE A 111 -3.98 -11.57 -4.54
N LEU A 112 -4.39 -11.20 -3.34
CA LEU A 112 -5.33 -11.99 -2.56
C LEU A 112 -6.66 -11.26 -2.50
N ILE A 113 -7.74 -11.98 -2.81
CA ILE A 113 -9.05 -11.38 -2.87
C ILE A 113 -9.80 -11.71 -1.60
N GLY A 114 -10.23 -10.68 -0.88
CA GLY A 114 -11.00 -10.86 0.33
C GLY A 114 -10.81 -9.72 1.30
N ALA A 115 -11.43 -9.84 2.46
CA ALA A 115 -11.35 -8.82 3.50
C ALA A 115 -10.10 -9.00 4.34
N SER A 116 -9.43 -7.89 4.65
CA SER A 116 -8.21 -7.92 5.44
C SER A 116 -8.36 -8.70 6.76
N GLN A 117 -9.47 -8.48 7.48
CA GLN A 117 -9.60 -9.15 8.78
C GLN A 117 -9.71 -10.66 8.65
N ASP A 118 -10.16 -11.15 7.50
CA ASP A 118 -10.20 -12.58 7.26
C ASP A 118 -8.87 -13.13 6.78
N LEU A 119 -8.19 -12.38 5.93
CA LEU A 119 -6.95 -12.86 5.30
C LEU A 119 -5.70 -12.72 6.15
N ILE A 120 -5.59 -11.64 6.92
CA ILE A 120 -4.40 -11.43 7.73
C ILE A 120 -4.11 -12.60 8.69
N PRO A 121 -5.14 -13.09 9.41
CA PRO A 121 -4.86 -14.23 10.29
C PRO A 121 -4.45 -15.52 9.57
N GLN A 122 -4.69 -15.62 8.27
CA GLN A 122 -4.35 -16.84 7.54
CA GLN A 122 -4.37 -16.81 7.48
C GLN A 122 -2.99 -16.75 6.83
N LEU A 123 -2.31 -15.61 6.96
CA LEU A 123 -1.04 -15.40 6.26
C LEU A 123 0.06 -16.41 6.60
N LYS A 124 0.22 -16.74 7.87
CA LYS A 124 1.26 -17.70 8.23
C LYS A 124 0.96 -19.11 7.73
N LYS A 125 -0.17 -19.66 8.13
CA LYS A 125 -0.49 -21.05 7.81
CA LYS A 125 -0.53 -21.05 7.82
C LYS A 125 -0.83 -21.25 6.34
N LYS A 126 -1.80 -20.49 5.85
CA LYS A 126 -2.31 -20.66 4.50
C LYS A 126 -1.38 -20.09 3.40
N TYR A 127 -0.65 -19.01 3.68
CA TYR A 127 0.19 -18.35 2.65
C TYR A 127 1.69 -18.30 3.00
N ASP A 128 2.07 -18.99 4.07
CA ASP A 128 3.47 -19.20 4.42
C ASP A 128 4.28 -17.93 4.64
N VAL A 129 3.65 -16.92 5.26
CA VAL A 129 4.37 -15.71 5.62
C VAL A 129 5.04 -15.94 6.97
N ASP A 130 6.28 -15.48 7.12
CA ASP A 130 6.93 -15.43 8.43
C ASP A 130 6.66 -14.05 9.08
N THR A 131 7.32 -13.01 8.60
CA THR A 131 7.02 -11.64 9.04
C THR A 131 7.01 -10.74 7.81
N LEU A 132 6.45 -9.56 8.03
CA LEU A 132 6.34 -8.55 7.01
C LEU A 132 7.39 -7.47 7.29
N ASP A 133 7.94 -6.92 6.21
CA ASP A 133 8.93 -5.85 6.32
C ASP A 133 8.27 -4.48 6.16
N MET A 134 7.15 -4.41 5.46
CA MET A 134 6.43 -3.16 5.25
C MET A 134 4.96 -3.44 5.03
N VAL A 135 4.10 -2.55 5.53
CA VAL A 135 2.67 -2.64 5.29
C VAL A 135 2.18 -1.28 4.80
N PHE A 136 1.49 -1.26 3.67
CA PHE A 136 0.85 -0.06 3.18
C PHE A 136 -0.64 -0.19 3.43
N LEU A 137 -1.21 0.71 4.21
CA LEU A 137 -2.62 0.69 4.57
C LEU A 137 -3.35 1.75 3.77
N ASP A 138 -4.25 1.30 2.89
CA ASP A 138 -5.01 2.22 2.06
C ASP A 138 -6.41 1.70 1.75
N HIS A 139 -6.98 0.95 2.68
CA HIS A 139 -8.24 0.26 2.50
C HIS A 139 -9.27 1.01 3.26
N TRP A 140 -10.04 0.37 4.13
CA TRP A 140 -10.99 1.11 4.94
C TRP A 140 -10.33 1.68 6.15
N LYS A 141 -10.76 2.88 6.42
CA LYS A 141 -10.19 3.68 7.43
C LYS A 141 -10.62 3.19 8.81
N ASP A 142 -11.84 2.67 8.93
CA ASP A 142 -12.25 2.03 10.20
C ASP A 142 -11.49 0.72 10.50
N ARG A 143 -10.72 0.19 9.53
CA ARG A 143 -9.87 -0.98 9.74
C ARG A 143 -8.41 -0.66 10.03
N TYR A 144 -7.99 0.58 9.95
CA TYR A 144 -6.56 0.90 10.14
C TYR A 144 -6.01 0.43 11.49
N LEU A 145 -6.69 0.78 12.58
CA LEU A 145 -6.22 0.39 13.92
C LEU A 145 -6.45 -1.09 14.17
N PRO A 146 -7.66 -1.61 13.92
CA PRO A 146 -7.89 -3.05 14.10
C PRO A 146 -6.94 -3.96 13.33
N ASP A 147 -6.65 -3.62 12.07
CA ASP A 147 -5.73 -4.41 11.27
C ASP A 147 -4.29 -4.24 11.72
N THR A 148 -3.93 -3.06 12.22
CA THR A 148 -2.61 -2.87 12.78
C THR A 148 -2.44 -3.80 13.97
N LEU A 149 -3.46 -3.86 14.83
CA LEU A 149 -3.40 -4.68 16.03
C LEU A 149 -3.38 -6.14 15.68
N LEU A 150 -4.14 -6.50 14.66
CA LEU A 150 -4.23 -7.88 14.18
C LEU A 150 -2.87 -8.35 13.66
N LEU A 151 -2.20 -7.51 12.88
CA LEU A 151 -0.85 -7.82 12.39
C LEU A 151 0.14 -8.07 13.52
N GLU A 152 0.14 -7.17 14.50
CA GLU A 152 0.96 -7.34 15.71
C GLU A 152 0.66 -8.64 16.40
N GLU A 153 -0.60 -8.83 16.73
CA GLU A 153 -1.03 -9.96 17.54
C GLU A 153 -0.86 -11.29 16.82
N CYS A 154 -0.84 -11.26 15.49
CA CYS A 154 -0.62 -12.49 14.72
C CYS A 154 0.87 -12.80 14.52
N GLY A 155 1.73 -11.95 15.07
CA GLY A 155 3.19 -12.11 15.00
C GLY A 155 3.76 -11.82 13.63
N LEU A 156 3.14 -10.90 12.91
CA LEU A 156 3.56 -10.65 11.53
C LEU A 156 4.51 -9.47 11.42
N LEU A 157 4.68 -8.73 12.50
CA LEU A 157 5.59 -7.60 12.51
C LEU A 157 6.89 -7.97 13.18
N ARG A 158 7.96 -7.33 12.75
CA ARG A 158 9.24 -7.42 13.46
C ARG A 158 9.84 -6.04 13.73
N LYS A 159 10.86 -6.01 14.58
CA LYS A 159 11.56 -4.78 14.89
C LYS A 159 12.04 -4.20 13.59
N GLY A 160 11.60 -2.99 13.28
CA GLY A 160 11.96 -2.34 12.03
C GLY A 160 10.93 -2.42 10.92
N THR A 161 9.86 -3.20 11.11
CA THR A 161 8.77 -3.21 10.16
C THR A 161 8.14 -1.81 10.07
N VAL A 162 7.98 -1.31 8.85
CA VAL A 162 7.43 0.03 8.64
C VAL A 162 5.98 -0.06 8.14
N LEU A 163 5.08 0.62 8.86
CA LEU A 163 3.72 0.82 8.39
C LEU A 163 3.61 2.20 7.77
N LEU A 164 2.96 2.27 6.63
CA LEU A 164 2.69 3.52 5.97
C LEU A 164 1.21 3.54 5.66
N ALA A 165 0.51 4.52 6.22
CA ALA A 165 -0.92 4.60 6.08
C ALA A 165 -1.27 5.84 5.26
N ASP A 166 -2.13 5.65 4.25
CA ASP A 166 -2.58 6.75 3.39
C ASP A 166 -3.87 7.37 3.92
N ASN A 167 -4.13 8.60 3.52
CA ASN A 167 -5.35 9.29 3.88
C ASN A 167 -5.49 9.44 5.39
N VAL A 168 -4.40 9.80 6.06
CA VAL A 168 -4.42 10.05 7.49
C VAL A 168 -4.32 11.57 7.66
N ILE A 169 -5.46 12.20 7.89
CA ILE A 169 -5.57 13.65 8.04
C ILE A 169 -6.45 13.89 9.25
N VAL A 170 -5.95 14.59 10.26
CA VAL A 170 -6.74 14.95 11.45
C VAL A 170 -7.96 15.81 11.07
N PRO A 171 -9.13 15.57 11.68
CA PRO A 171 -9.49 14.70 12.79
C PRO A 171 -9.88 13.27 12.39
N GLY A 172 -9.63 12.87 11.15
CA GLY A 172 -9.84 11.50 10.75
C GLY A 172 -8.82 10.61 11.45
N THR A 173 -9.11 9.31 11.48
CA THR A 173 -8.24 8.30 12.11
C THR A 173 -7.68 8.69 13.48
N PRO A 174 -8.56 9.15 14.39
CA PRO A 174 -8.12 9.54 15.72
C PRO A 174 -7.59 8.36 16.53
N ASP A 175 -8.19 7.19 16.37
CA ASP A 175 -7.83 6.00 17.13
C ASP A 175 -6.49 5.45 16.67
N PHE A 176 -6.34 5.27 15.36
CA PHE A 176 -5.10 4.78 14.77
C PHE A 176 -3.90 5.66 15.17
N LEU A 177 -4.07 6.97 15.04
CA LEU A 177 -3.01 7.91 15.40
C LEU A 177 -2.76 7.91 16.90
N ALA A 178 -3.82 7.88 17.70
CA ALA A 178 -3.62 7.85 19.15
C ALA A 178 -2.75 6.66 19.57
N TYR A 179 -2.97 5.53 18.92
CA TYR A 179 -2.21 4.34 19.19
C TYR A 179 -0.76 4.44 18.77
N VAL A 180 -0.51 4.61 17.47
CA VAL A 180 0.88 4.59 17.00
C VAL A 180 1.71 5.71 17.62
N ARG A 181 1.12 6.89 17.79
CA ARG A 181 1.85 7.98 18.44
C ARG A 181 2.03 7.67 19.91
N GLY A 182 0.94 7.31 20.55
CA GLY A 182 0.91 7.08 21.98
C GLY A 182 1.79 5.93 22.43
N SER A 183 1.92 4.90 21.61
CA SER A 183 2.67 3.71 21.99
C SER A 183 4.15 3.94 21.75
N SER A 184 4.94 3.55 22.76
CA SER A 184 6.40 3.45 22.64
C SER A 184 6.85 2.44 21.60
N SER A 185 5.98 1.54 21.17
CA SER A 185 6.37 0.50 20.22
C SER A 185 6.44 0.98 18.79
N PHE A 186 6.04 2.22 18.56
CA PHE A 186 6.06 2.79 17.22
C PHE A 186 6.74 4.15 17.18
N GLU A 187 7.59 4.33 16.18
CA GLU A 187 8.28 5.57 15.94
C GLU A 187 7.60 6.21 14.72
N CYS A 188 7.09 7.44 14.88
CA CYS A 188 6.15 8.00 13.90
C CYS A 188 6.61 9.26 13.18
N THR A 189 6.29 9.32 11.89
CA THR A 189 6.50 10.49 11.05
C THR A 189 5.22 10.78 10.27
N HIS A 190 4.79 12.03 10.26
CA HIS A 190 3.62 12.43 9.50
C HIS A 190 3.99 13.28 8.31
N TYR A 191 3.24 13.09 7.24
CA TYR A 191 3.42 13.84 6.00
C TYR A 191 2.10 14.53 5.65
N SER A 192 2.16 15.83 5.35
CA SER A 192 1.00 16.61 4.93
C SER A 192 1.28 17.29 3.61
N SER A 193 0.56 16.88 2.57
CA SER A 193 0.61 17.54 1.25
C SER A 193 -0.50 18.59 1.10
N TYR A 194 -0.09 19.81 0.78
CA TYR A 194 -1.00 20.95 0.63
C TYR A 194 -1.16 21.35 -0.84
N LEU A 195 -0.36 20.79 -1.73
CA LEU A 195 -0.16 21.37 -3.06
C LEU A 195 -0.06 22.89 -2.94
N GLU A 196 -0.77 23.64 -3.77
CA GLU A 196 -0.66 25.11 -3.75
C GLU A 196 -1.53 25.73 -2.68
N TYR A 197 -2.23 24.91 -1.92
CA TYR A 197 -3.28 25.39 -1.00
C TYR A 197 -2.80 25.57 0.42
N MET A 198 -3.68 26.13 1.24
CA MET A 198 -3.44 26.24 2.67
C MET A 198 -4.05 25.08 3.43
N LYS A 199 -4.82 24.24 2.74
CA LYS A 199 -5.45 23.08 3.39
C LYS A 199 -4.87 21.78 2.87
N VAL A 200 -4.80 20.81 3.77
CA VAL A 200 -4.20 19.52 3.47
C VAL A 200 -5.03 18.77 2.44
N VAL A 201 -4.36 18.28 1.40
CA VAL A 201 -4.97 17.51 0.34
C VAL A 201 -4.84 16.01 0.62
N ASP A 202 -3.66 15.59 1.03
CA ASP A 202 -3.46 14.21 1.50
C ASP A 202 -2.47 14.22 2.68
N GLY A 203 -2.68 13.31 3.60
CA GLY A 203 -1.80 13.07 4.70
C GLY A 203 -1.48 11.58 4.78
N LEU A 204 -0.25 11.30 5.18
CA LEU A 204 0.23 9.95 5.42
C LEU A 204 0.94 9.89 6.77
N GLU A 205 0.91 8.72 7.39
CA GLU A 205 1.60 8.48 8.63
C GLU A 205 2.52 7.30 8.40
N LYS A 206 3.79 7.45 8.76
CA LYS A 206 4.74 6.35 8.82
C LYS A 206 4.96 5.97 10.25
N ALA A 207 4.80 4.69 10.55
CA ALA A 207 4.95 4.16 11.90
C ALA A 207 5.84 2.93 11.88
N ILE A 208 7.00 3.03 12.52
CA ILE A 208 7.96 1.94 12.52
C ILE A 208 7.91 1.18 13.82
N TYR A 209 7.63 -0.12 13.72
CA TYR A 209 7.51 -0.98 14.88
C TYR A 209 8.86 -1.20 15.54
N GLN A 210 8.90 -1.02 16.84
CA GLN A 210 10.15 -1.14 17.59
C GLN A 210 10.29 -2.49 18.25
N GLY A 211 9.32 -3.38 18.02
CA GLY A 211 9.29 -4.66 18.69
C GLY A 211 8.60 -4.51 20.03
N PRO A 212 8.38 -5.64 20.72
CA PRO A 212 7.82 -5.65 22.07
C PRO A 212 8.90 -5.34 23.12
N3 2F6 B . -10.13 -5.44 3.42
C5 2F6 B . -11.96 -4.88 5.06
C6 2F6 B . -11.44 -3.74 2.88
C7 2F6 B . -10.51 -3.91 1.88
C8 2F6 B . -10.39 -3.08 0.65
C10 2F6 B . -10.50 -1.27 -0.66
C1 2F6 B . -8.52 -5.59 1.53
C2 2F6 B . -9.69 -4.99 2.27
N4 2F6 B . -11.21 -4.66 3.82
C9 2F6 B . -10.74 -1.72 0.58
N11 2F6 B . -10.01 -2.31 -1.37
N13 2F6 B . -9.94 -3.43 -0.55
#